data_7U6Z
#
_entry.id   7U6Z
#
_cell.length_a   69.190
_cell.length_b   34.560
_cell.length_c   71.760
_cell.angle_alpha   90.000
_cell.angle_beta   90.000
_cell.angle_gamma   90.000
#
_symmetry.space_group_name_H-M   'P 1 21 1'
#
loop_
_entity.id
_entity.type
_entity.pdbx_description
1 polymer 'Pertussis toxin subunit 1'
2 non-polymer 'IODIDE ION'
3 non-polymer NICOTINAMIDE-ADENINE-DINUCLEOTIDE
4 water water
#
_entity_poly.entity_id   1
_entity_poly.type   'polypeptide(L)'
_entity_poly.pdbx_seq_one_letter_code
;GPGDPPATVYRYDSRPPEDVFQNGFTAWGNNDNVLEHLTGRSCQVGSSNSAFVSTSSSRRYTEVYLEHRMQEAVEAERAG
RGTGHFIGYIYEVRADNNFYGAASSYFEYVDTYGDNAGRILAGALATYQSDYLAHRRIPPENIRRVTRVYHNGITGETTT
TEYSNARYVSQQTRANPNPYTSRR
;
_entity_poly.pdbx_strand_id   B,A
#
loop_
_chem_comp.id
_chem_comp.type
_chem_comp.name
_chem_comp.formula
IOD non-polymer 'IODIDE ION' 'I -1'
NAD non-polymer NICOTINAMIDE-ADENINE-DINUCLEOTIDE 'C21 H27 N7 O14 P2'
#
# COMPACT_ATOMS: atom_id res chain seq x y z
N GLY A 3 4.89 -14.62 -21.50
CA GLY A 3 4.24 -15.35 -20.42
C GLY A 3 4.35 -14.69 -19.05
N ASP A 4 4.55 -13.37 -19.05
CA ASP A 4 4.70 -12.64 -17.80
C ASP A 4 3.38 -12.67 -17.01
N PRO A 5 3.46 -12.52 -15.68
CA PRO A 5 2.22 -12.38 -14.92
C PRO A 5 1.45 -11.15 -15.38
N PRO A 6 0.13 -11.18 -15.28
CA PRO A 6 -0.69 -10.07 -15.76
C PRO A 6 -0.47 -8.79 -14.96
N ALA A 7 -0.46 -7.67 -15.68
CA ALA A 7 -0.51 -6.35 -15.06
C ALA A 7 -1.95 -5.91 -14.79
N THR A 8 -2.92 -6.52 -15.47
CA THR A 8 -4.31 -6.10 -15.38
C THR A 8 -5.17 -7.30 -15.00
N VAL A 9 -6.02 -7.10 -13.99
CA VAL A 9 -7.00 -8.08 -13.56
C VAL A 9 -8.34 -7.36 -13.36
N TYR A 10 -9.40 -8.16 -13.19
CA TYR A 10 -10.77 -7.65 -13.12
C TYR A 10 -11.48 -8.26 -11.93
N ARG A 11 -12.44 -7.53 -11.38
CA ARG A 11 -13.22 -8.02 -10.24
C ARG A 11 -14.68 -7.62 -10.42
N TYR A 12 -15.59 -8.59 -10.37
CA TYR A 12 -17.00 -8.31 -10.24
C TYR A 12 -17.32 -8.07 -8.76
N ASP A 13 -18.09 -7.02 -8.47
CA ASP A 13 -18.51 -6.71 -7.11
C ASP A 13 -19.84 -5.97 -7.19
N SER A 14 -20.63 -6.08 -6.12
CA SER A 14 -21.89 -5.34 -6.05
C SER A 14 -21.70 -3.90 -5.60
N ARG A 15 -20.51 -3.54 -5.05
CA ARG A 15 -20.40 -2.23 -4.43
C ARG A 15 -19.94 -1.18 -5.45
N PRO A 16 -20.38 0.06 -5.27
CA PRO A 16 -20.22 1.09 -6.30
C PRO A 16 -18.92 1.88 -6.14
N PRO A 17 -18.55 2.65 -7.17
CA PRO A 17 -17.26 3.34 -7.14
C PRO A 17 -17.15 4.43 -6.09
N GLU A 18 -18.26 5.04 -5.65
CA GLU A 18 -18.15 6.02 -4.57
C GLU A 18 -17.49 5.41 -3.35
N ASP A 19 -17.64 4.10 -3.16
CA ASP A 19 -16.90 3.37 -2.14
C ASP A 19 -15.54 2.94 -2.67
N VAL A 20 -15.53 2.10 -3.71
CA VAL A 20 -14.33 1.36 -4.12
C VAL A 20 -13.24 2.29 -4.63
N PHE A 21 -13.60 3.32 -5.41
CA PHE A 21 -12.58 4.19 -5.98
C PHE A 21 -11.83 4.99 -4.90
N GLN A 22 -12.49 5.30 -3.80
CA GLN A 22 -11.85 6.05 -2.73
C GLN A 22 -11.20 5.14 -1.70
N ASN A 23 -11.81 3.98 -1.42
CA ASN A 23 -11.41 3.14 -0.30
C ASN A 23 -10.70 1.87 -0.72
N GLY A 24 -10.70 1.55 -2.01
CA GLY A 24 -10.21 0.26 -2.46
C GLY A 24 -11.09 -0.89 -1.98
N PHE A 25 -10.56 -2.10 -2.18
CA PHE A 25 -11.15 -3.31 -1.63
C PHE A 25 -10.37 -3.76 -0.41
N THR A 26 -11.09 -4.20 0.61
CA THR A 26 -10.49 -4.77 1.80
C THR A 26 -10.96 -6.21 1.95
N ALA A 27 -10.03 -7.10 2.26
CA ALA A 27 -10.40 -8.50 2.46
C ALA A 27 -11.33 -8.64 3.66
N TRP A 28 -12.11 -9.72 3.65
CA TRP A 28 -13.04 -10.00 4.73
C TRP A 28 -12.34 -10.11 6.08
N GLY A 29 -11.16 -10.72 6.11
CA GLY A 29 -10.49 -10.98 7.37
C GLY A 29 -9.07 -11.45 7.21
N ASN A 30 -8.67 -12.35 8.10
CA ASN A 30 -7.29 -12.75 8.28
C ASN A 30 -7.04 -14.21 7.93
N ASN A 31 -8.04 -14.90 7.40
CA ASN A 31 -7.93 -16.33 7.10
C ASN A 31 -7.27 -16.50 5.74
N ASP A 32 -5.97 -16.83 5.74
CA ASP A 32 -5.23 -16.94 4.50
C ASP A 32 -5.10 -18.37 3.98
N ASN A 33 -5.98 -19.27 4.40
CA ASN A 33 -5.98 -20.62 3.85
C ASN A 33 -6.45 -20.57 2.40
N VAL A 34 -5.57 -20.95 1.47
CA VAL A 34 -5.85 -20.79 0.05
C VAL A 34 -7.00 -21.70 -0.38
N LEU A 35 -7.06 -22.92 0.16
CA LEU A 35 -8.11 -23.85 -0.23
C LEU A 35 -9.48 -23.36 0.23
N GLU A 36 -9.57 -22.84 1.46
CA GLU A 36 -10.84 -22.30 1.92
C GLU A 36 -11.28 -21.09 1.10
N HIS A 37 -10.33 -20.28 0.64
CA HIS A 37 -10.70 -19.17 -0.22
C HIS A 37 -11.22 -19.66 -1.56
N LEU A 38 -10.46 -20.52 -2.23
CA LEU A 38 -10.77 -20.83 -3.62
C LEU A 38 -12.10 -21.57 -3.75
N THR A 39 -12.45 -22.38 -2.76
CA THR A 39 -13.75 -23.04 -2.72
C THR A 39 -14.86 -22.14 -2.22
N GLY A 40 -14.54 -20.92 -1.78
CA GLY A 40 -15.54 -20.00 -1.27
C GLY A 40 -15.89 -20.19 0.18
N ARG A 41 -15.29 -21.15 0.88
CA ARG A 41 -15.65 -21.43 2.27
C ARG A 41 -15.40 -20.21 3.17
N SER A 42 -14.40 -19.39 2.86
CA SER A 42 -14.04 -18.24 3.69
C SER A 42 -14.57 -16.93 3.12
N CYS A 43 -15.33 -16.97 2.04
CA CYS A 43 -15.88 -15.77 1.43
C CYS A 43 -17.27 -15.48 1.99
N GLN A 44 -18.01 -14.58 1.34
CA GLN A 44 -19.26 -14.08 1.91
C GLN A 44 -20.23 -15.21 2.25
N VAL A 45 -20.35 -16.20 1.35
CA VAL A 45 -21.32 -17.27 1.56
C VAL A 45 -20.89 -18.25 2.64
N GLY A 46 -19.62 -18.22 3.05
CA GLY A 46 -19.12 -19.07 4.11
C GLY A 46 -18.78 -18.31 5.36
N SER A 47 -17.52 -18.35 5.80
CA SER A 47 -17.13 -17.76 7.08
C SER A 47 -16.78 -16.27 6.99
N SER A 48 -16.81 -15.66 5.81
CA SER A 48 -16.62 -14.22 5.67
C SER A 48 -15.39 -13.72 6.40
N ASN A 49 -14.27 -14.44 6.26
CA ASN A 49 -13.03 -14.02 6.89
C ASN A 49 -11.80 -14.20 6.01
N SER A 50 -11.99 -14.50 4.72
CA SER A 50 -10.86 -14.68 3.82
C SER A 50 -9.94 -13.48 3.81
N ALA A 51 -8.64 -13.74 3.74
CA ALA A 51 -7.63 -12.71 3.63
C ALA A 51 -7.37 -12.27 2.19
N PHE A 52 -8.16 -12.74 1.23
CA PHE A 52 -7.90 -12.46 -0.18
C PHE A 52 -9.11 -11.79 -0.83
N VAL A 53 -8.83 -10.80 -1.67
CA VAL A 53 -9.82 -10.22 -2.56
C VAL A 53 -9.66 -10.87 -3.94
N SER A 54 -10.72 -11.51 -4.44
CA SER A 54 -10.64 -12.30 -5.67
C SER A 54 -10.63 -11.42 -6.91
N THR A 55 -9.78 -11.79 -7.85
CA THR A 55 -9.73 -11.13 -9.16
C THR A 55 -9.45 -12.16 -10.24
N SER A 56 -9.67 -11.77 -11.50
CA SER A 56 -9.36 -12.64 -12.62
C SER A 56 -8.64 -11.86 -13.69
N SER A 57 -7.63 -12.49 -14.31
CA SER A 57 -7.03 -11.86 -15.49
C SER A 57 -7.95 -11.89 -16.69
N SER A 58 -9.01 -12.66 -16.64
CA SER A 58 -9.95 -12.79 -17.74
C SER A 58 -11.14 -11.88 -17.50
N ARG A 59 -11.25 -10.83 -18.30
CA ARG A 59 -12.44 -9.99 -18.19
C ARG A 59 -13.71 -10.79 -18.44
N ARG A 60 -13.66 -11.73 -19.38
CA ARG A 60 -14.83 -12.55 -19.68
C ARG A 60 -15.33 -13.30 -18.45
N TYR A 61 -14.41 -13.80 -17.61
CA TYR A 61 -14.83 -14.47 -16.39
C TYR A 61 -15.72 -13.57 -15.53
N THR A 62 -15.31 -12.32 -15.34
CA THR A 62 -16.11 -11.43 -14.50
C THR A 62 -17.41 -11.05 -15.17
N GLU A 63 -17.42 -11.01 -16.51
CA GLU A 63 -18.67 -10.74 -17.22
C GLU A 63 -19.64 -11.90 -17.09
N VAL A 64 -19.14 -13.13 -17.15
CA VAL A 64 -19.99 -14.30 -16.94
C VAL A 64 -20.58 -14.29 -15.54
N TYR A 65 -19.76 -13.92 -14.54
CA TYR A 65 -20.25 -13.84 -13.16
C TYR A 65 -21.35 -12.78 -13.06
N LEU A 66 -21.10 -11.58 -13.57
CA LEU A 66 -22.10 -10.51 -13.53
C LEU A 66 -23.38 -10.94 -14.23
N GLU A 67 -23.24 -11.52 -15.43
CA GLU A 67 -24.41 -11.96 -16.17
C GLU A 67 -25.20 -13.03 -15.43
N HIS A 68 -24.51 -13.90 -14.69
CA HIS A 68 -25.20 -14.91 -13.90
C HIS A 68 -26.00 -14.27 -12.79
N ARG A 69 -25.40 -13.30 -12.07
CA ARG A 69 -26.14 -12.63 -11.01
C ARG A 69 -27.32 -11.85 -11.57
N MET A 70 -27.15 -11.26 -12.76
CA MET A 70 -28.27 -10.56 -13.39
C MET A 70 -29.37 -11.54 -13.77
N GLN A 71 -29.00 -12.68 -14.36
CA GLN A 71 -30.01 -13.66 -14.73
C GLN A 71 -30.72 -14.24 -13.50
N GLU A 72 -30.01 -14.35 -12.37
CA GLU A 72 -30.65 -14.81 -11.16
C GLU A 72 -31.67 -13.79 -10.66
N ALA A 73 -31.42 -12.50 -10.86
CA ALA A 73 -32.42 -11.48 -10.57
C ALA A 73 -33.61 -11.59 -11.52
N VAL A 74 -33.34 -11.90 -12.79
CA VAL A 74 -34.44 -12.12 -13.74
C VAL A 74 -35.29 -13.32 -13.33
N GLU A 75 -34.65 -14.42 -12.92
CA GLU A 75 -35.43 -15.60 -12.53
C GLU A 75 -36.21 -15.36 -11.25
N ALA A 76 -35.63 -14.59 -10.31
CA ALA A 76 -36.35 -14.25 -9.10
C ALA A 76 -37.61 -13.44 -9.41
N GLU A 77 -37.57 -12.60 -10.45
CA GLU A 77 -38.77 -11.88 -10.85
C GLU A 77 -39.79 -12.81 -11.48
N ARG A 78 -39.33 -13.73 -12.33
CA ARG A 78 -40.25 -14.68 -12.96
C ARG A 78 -40.91 -15.60 -11.92
N ALA A 79 -40.25 -15.82 -10.78
CA ALA A 79 -40.79 -16.63 -9.71
C ALA A 79 -41.51 -15.80 -8.64
N GLY A 80 -41.63 -14.49 -8.85
CA GLY A 80 -42.33 -13.64 -7.90
C GLY A 80 -41.61 -13.37 -6.60
N ARG A 81 -40.34 -13.76 -6.48
CA ARG A 81 -39.55 -13.48 -5.29
C ARG A 81 -38.48 -12.41 -5.54
N GLY A 82 -38.76 -11.49 -6.45
CA GLY A 82 -37.83 -10.41 -6.75
C GLY A 82 -38.41 -9.46 -7.76
N THR A 83 -37.78 -8.29 -7.86
CA THR A 83 -38.24 -7.24 -8.77
C THR A 83 -37.54 -7.27 -10.12
N GLY A 84 -36.46 -8.04 -10.27
CA GLY A 84 -35.72 -8.09 -11.51
C GLY A 84 -34.69 -6.99 -11.68
N HIS A 85 -34.69 -5.99 -10.80
CA HIS A 85 -33.71 -4.91 -10.84
C HIS A 85 -32.33 -5.45 -10.47
N PHE A 86 -31.30 -4.97 -11.18
CA PHE A 86 -29.94 -5.43 -10.91
C PHE A 86 -28.92 -4.38 -11.32
N ILE A 87 -27.96 -4.10 -10.44
CA ILE A 87 -26.81 -3.27 -10.74
C ILE A 87 -25.56 -4.05 -10.34
N GLY A 88 -24.64 -4.24 -11.30
CA GLY A 88 -23.38 -4.88 -11.01
C GLY A 88 -22.24 -4.05 -11.56
N TYR A 89 -21.06 -4.28 -10.99
CA TYR A 89 -19.86 -3.54 -11.36
C TYR A 89 -18.73 -4.50 -11.69
N ILE A 90 -17.97 -4.16 -12.73
CA ILE A 90 -16.71 -4.85 -13.04
C ILE A 90 -15.59 -3.83 -12.96
N TYR A 91 -14.68 -4.03 -12.00
CA TYR A 91 -13.56 -3.13 -11.78
C TYR A 91 -12.35 -3.62 -12.55
N GLU A 92 -11.65 -2.70 -13.19
CA GLU A 92 -10.38 -2.97 -13.86
C GLU A 92 -9.27 -2.51 -12.94
N VAL A 93 -8.35 -3.42 -12.63
CA VAL A 93 -7.41 -3.26 -11.53
C VAL A 93 -5.99 -3.55 -12.03
N ARG A 94 -5.03 -2.73 -11.60
CA ARG A 94 -3.62 -3.02 -11.82
C ARG A 94 -3.12 -3.96 -10.73
N ALA A 95 -2.58 -5.10 -11.15
CA ALA A 95 -2.03 -6.09 -10.23
C ALA A 95 -0.59 -5.75 -9.86
N ASP A 96 -0.21 -6.09 -8.63
CA ASP A 96 1.16 -5.90 -8.15
C ASP A 96 1.59 -7.14 -7.37
N ASN A 97 2.72 -7.00 -6.65
CA ASN A 97 3.30 -8.17 -5.99
C ASN A 97 2.48 -8.71 -4.83
N ASN A 98 1.39 -8.04 -4.44
CA ASN A 98 0.48 -8.59 -3.44
C ASN A 98 -0.63 -9.41 -4.07
N PHE A 99 -0.58 -9.64 -5.39
CA PHE A 99 -1.56 -10.44 -6.11
C PHE A 99 -0.87 -11.74 -6.49
N TYR A 100 -1.47 -12.88 -6.13
CA TYR A 100 -0.84 -14.18 -6.31
C TYR A 100 -1.72 -15.07 -7.18
N GLY A 101 -1.10 -15.78 -8.11
CA GLY A 101 -1.86 -16.66 -8.97
C GLY A 101 -2.55 -17.77 -8.19
N ALA A 102 -3.84 -17.95 -8.44
CA ALA A 102 -4.61 -18.96 -7.73
C ALA A 102 -4.12 -20.37 -8.02
N ALA A 103 -3.88 -20.67 -9.29
CA ALA A 103 -3.50 -22.02 -9.65
C ALA A 103 -2.18 -22.41 -8.99
N SER A 104 -1.17 -21.55 -9.10
CA SER A 104 0.11 -21.85 -8.48
C SER A 104 -0.01 -21.91 -6.96
N SER A 105 -0.82 -21.03 -6.36
CA SER A 105 -1.01 -21.06 -4.92
C SER A 105 -1.75 -22.32 -4.49
N TYR A 106 -2.72 -22.75 -5.29
CA TYR A 106 -3.44 -23.98 -5.00
C TYR A 106 -2.50 -25.18 -5.01
N PHE A 107 -1.68 -25.30 -6.06
CA PHE A 107 -0.80 -26.45 -6.15
C PHE A 107 0.26 -26.43 -5.05
N GLU A 108 0.77 -25.26 -4.72
CA GLU A 108 1.72 -25.14 -3.62
C GLU A 108 1.09 -25.61 -2.31
N TYR A 109 -0.16 -25.23 -2.07
CA TYR A 109 -0.87 -25.61 -0.85
C TYR A 109 -1.10 -27.13 -0.83
N VAL A 110 -1.70 -27.68 -1.89
CA VAL A 110 -2.06 -29.09 -1.86
C VAL A 110 -0.82 -29.97 -1.85
N ASP A 111 0.24 -29.56 -2.53
CA ASP A 111 1.44 -30.38 -2.54
C ASP A 111 2.10 -30.44 -1.17
N THR A 112 1.99 -29.35 -0.40
CA THR A 112 2.62 -29.25 0.91
C THR A 112 1.74 -29.79 2.03
N TYR A 113 0.42 -29.55 1.97
CA TYR A 113 -0.47 -29.87 3.08
C TYR A 113 -1.59 -30.84 2.72
N GLY A 114 -1.72 -31.22 1.45
CA GLY A 114 -2.83 -32.04 1.02
C GLY A 114 -2.55 -33.53 0.84
N TYR A 128 -8.99 -21.80 -12.05
CA TYR A 128 -7.98 -21.18 -11.20
C TYR A 128 -6.86 -20.59 -12.03
N GLN A 129 -6.74 -21.05 -13.29
CA GLN A 129 -5.61 -20.63 -14.10
C GLN A 129 -5.59 -19.11 -14.31
N SER A 130 -6.76 -18.48 -14.34
CA SER A 130 -6.86 -17.04 -14.54
C SER A 130 -7.14 -16.27 -13.26
N ASP A 131 -7.34 -16.94 -12.14
CA ASP A 131 -7.68 -16.24 -10.90
C ASP A 131 -6.41 -15.72 -10.22
N TYR A 132 -6.54 -14.53 -9.62
CA TYR A 132 -5.45 -13.92 -8.86
C TYR A 132 -5.98 -13.44 -7.51
N LEU A 133 -5.32 -13.89 -6.45
CA LEU A 133 -5.71 -13.57 -5.08
C LEU A 133 -4.97 -12.33 -4.64
N ALA A 134 -5.68 -11.24 -4.37
CA ALA A 134 -5.07 -10.03 -3.84
C ALA A 134 -5.07 -10.12 -2.32
N HIS A 135 -3.89 -10.19 -1.73
CA HIS A 135 -3.76 -10.42 -0.29
C HIS A 135 -4.04 -9.13 0.48
N ARG A 136 -4.99 -9.21 1.42
CA ARG A 136 -5.33 -8.14 2.38
C ARG A 136 -6.14 -6.97 1.80
N ARG A 137 -5.66 -6.36 0.72
CA ARG A 137 -6.23 -5.12 0.20
C ARG A 137 -5.99 -5.04 -1.29
N ILE A 138 -6.88 -4.34 -1.99
CA ILE A 138 -6.55 -3.73 -3.27
C ILE A 138 -6.67 -2.24 -3.02
N PRO A 139 -5.55 -1.52 -2.88
CA PRO A 139 -5.63 -0.09 -2.60
C PRO A 139 -6.35 0.65 -3.70
N PRO A 140 -6.96 1.81 -3.39
CA PRO A 140 -7.68 2.56 -4.43
C PRO A 140 -6.80 3.02 -5.57
N GLU A 141 -5.51 3.26 -5.30
CA GLU A 141 -4.58 3.68 -6.34
C GLU A 141 -4.37 2.59 -7.39
N ASN A 142 -4.72 1.33 -7.10
CA ASN A 142 -4.63 0.27 -8.09
C ASN A 142 -5.87 0.15 -8.96
N ILE A 143 -6.94 0.86 -8.63
CA ILE A 143 -8.23 0.63 -9.27
C ILE A 143 -8.41 1.70 -10.33
N ARG A 144 -8.43 1.27 -11.59
CA ARG A 144 -8.33 2.14 -12.75
C ARG A 144 -9.69 2.63 -13.22
N ARG A 145 -10.64 1.72 -13.36
CA ARG A 145 -11.95 2.06 -13.88
C ARG A 145 -12.97 1.04 -13.53
N VAL A 146 -14.23 1.36 -13.78
CA VAL A 146 -15.33 0.46 -13.50
C VAL A 146 -16.33 0.53 -14.66
N THR A 147 -16.93 -0.61 -14.94
CA THR A 147 -18.08 -0.73 -15.82
C THR A 147 -19.28 -1.01 -14.94
N ARG A 148 -20.31 -0.20 -15.06
CA ARG A 148 -21.57 -0.41 -14.37
C ARG A 148 -22.60 -0.96 -15.35
N VAL A 149 -23.24 -2.06 -14.97
CA VAL A 149 -24.31 -2.66 -15.75
C VAL A 149 -25.59 -2.58 -14.94
N TYR A 150 -26.60 -1.91 -15.49
CA TYR A 150 -27.88 -1.74 -14.84
C TYR A 150 -28.94 -2.45 -15.66
N HIS A 151 -29.62 -3.40 -15.06
CA HIS A 151 -30.74 -4.10 -15.70
C HIS A 151 -32.05 -3.62 -15.07
N ASN A 152 -32.91 -3.05 -15.90
CA ASN A 152 -34.23 -2.59 -15.48
C ASN A 152 -35.17 -3.79 -15.47
N GLY A 153 -35.58 -4.22 -14.28
CA GLY A 153 -36.44 -5.39 -14.16
C GLY A 153 -37.81 -5.22 -14.75
N ILE A 154 -38.30 -3.98 -14.86
CA ILE A 154 -39.66 -3.76 -15.34
C ILE A 154 -39.70 -3.77 -16.87
N THR A 155 -38.76 -3.08 -17.51
CA THR A 155 -38.74 -2.95 -18.96
C THR A 155 -37.79 -3.93 -19.66
N GLY A 156 -36.89 -4.57 -18.92
CA GLY A 156 -35.95 -5.51 -19.52
C GLY A 156 -34.72 -4.88 -20.14
N GLU A 157 -34.61 -3.56 -20.14
CA GLU A 157 -33.47 -2.91 -20.78
C GLU A 157 -32.24 -2.96 -19.89
N THR A 158 -31.10 -3.18 -20.53
CA THR A 158 -29.81 -3.21 -19.87
C THR A 158 -28.99 -2.04 -20.39
N THR A 159 -28.37 -1.29 -19.49
CA THR A 159 -27.53 -0.16 -19.87
C THR A 159 -26.18 -0.25 -19.17
N THR A 160 -25.12 0.00 -19.94
CA THR A 160 -23.75 -0.11 -19.49
C THR A 160 -23.07 1.25 -19.59
N THR A 161 -22.42 1.66 -18.50
CA THR A 161 -21.66 2.90 -18.42
C THR A 161 -20.29 2.62 -17.82
N GLU A 162 -19.37 3.56 -18.01
CA GLU A 162 -17.98 3.41 -17.62
C GLU A 162 -17.52 4.64 -16.88
N TYR A 163 -16.68 4.46 -15.87
CA TYR A 163 -16.16 5.55 -15.06
C TYR A 163 -14.70 5.32 -14.71
N SER A 164 -13.92 6.39 -14.74
CA SER A 164 -12.50 6.32 -14.43
C SER A 164 -12.25 6.82 -13.02
N ASN A 165 -11.24 6.25 -12.38
CA ASN A 165 -10.90 6.62 -11.01
C ASN A 165 -9.80 7.68 -11.01
N ALA A 166 -10.14 8.90 -10.58
CA ALA A 166 -9.15 9.95 -10.51
C ALA A 166 -8.00 9.60 -9.58
N ARG A 167 -8.23 8.70 -8.62
CA ARG A 167 -7.18 8.34 -7.68
C ARG A 167 -6.22 7.29 -8.24
N TYR A 168 -6.48 6.75 -9.43
CA TYR A 168 -5.61 5.71 -9.97
C TYR A 168 -4.20 6.23 -10.20
N VAL A 169 -3.22 5.41 -9.82
CA VAL A 169 -1.81 5.68 -10.05
C VAL A 169 -1.29 4.70 -11.09
N SER A 170 -0.81 5.24 -12.21
CA SER A 170 -0.21 4.43 -13.26
C SER A 170 1.24 4.18 -12.92
N GLN A 171 1.60 2.93 -12.63
CA GLN A 171 2.97 2.56 -12.38
C GLN A 171 3.19 1.15 -12.88
N GLN A 172 4.46 0.78 -13.04
CA GLN A 172 4.83 -0.49 -13.66
C GLN A 172 4.84 -1.55 -12.58
N THR A 173 3.75 -2.32 -12.50
CA THR A 173 3.66 -3.45 -11.61
C THR A 173 2.95 -4.59 -12.33
N ARG A 174 3.23 -5.81 -11.89
CA ARG A 174 2.53 -7.01 -12.34
C ARG A 174 2.27 -7.88 -11.13
N ALA A 175 1.40 -8.88 -11.33
CA ALA A 175 1.15 -9.85 -10.27
C ALA A 175 2.45 -10.57 -9.88
N ASN A 176 2.46 -11.08 -8.66
CA ASN A 176 3.60 -11.84 -8.18
C ASN A 176 3.79 -13.08 -9.05
N PRO A 177 5.02 -13.43 -9.43
CA PRO A 177 5.23 -14.66 -10.19
C PRO A 177 5.21 -15.91 -9.34
N ASN A 178 5.21 -15.79 -8.03
CA ASN A 178 5.36 -16.91 -7.11
C ASN A 178 4.04 -17.25 -6.45
N PRO A 179 3.87 -18.49 -6.01
CA PRO A 179 2.65 -18.84 -5.27
C PRO A 179 2.61 -18.10 -3.94
N TYR A 180 1.40 -17.87 -3.46
CA TYR A 180 1.23 -17.39 -2.08
C TYR A 180 1.76 -18.43 -1.11
N THR A 181 2.44 -17.95 -0.06
CA THR A 181 2.71 -18.80 1.10
C THR A 181 2.47 -18.00 2.38
N SER A 182 1.98 -18.68 3.40
CA SER A 182 1.67 -18.03 4.67
C SER A 182 2.94 -17.79 5.49
N GLY B 3 8.70 -3.95 -10.17
CA GLY B 3 7.97 -3.65 -8.94
C GLY B 3 8.62 -4.23 -7.69
N ASP B 4 9.90 -4.57 -7.80
CA ASP B 4 10.67 -5.09 -6.68
C ASP B 4 10.72 -4.06 -5.55
N PRO B 5 11.05 -4.48 -4.33
CA PRO B 5 11.23 -3.52 -3.24
C PRO B 5 12.32 -2.53 -3.60
N PRO B 6 12.23 -1.30 -3.10
CA PRO B 6 13.21 -0.29 -3.49
C PRO B 6 14.60 -0.58 -2.93
N ALA B 7 15.60 -0.18 -3.70
CA ALA B 7 16.97 -0.21 -3.22
C ALA B 7 17.36 1.09 -2.55
N THR B 8 16.58 2.15 -2.74
CA THR B 8 16.89 3.49 -2.25
C THR B 8 15.65 4.07 -1.58
N VAL B 9 15.84 4.62 -0.39
CA VAL B 9 14.82 5.39 0.30
C VAL B 9 15.43 6.69 0.81
N TYR B 10 14.57 7.54 1.35
CA TYR B 10 14.93 8.89 1.79
C TYR B 10 14.36 9.14 3.18
N ARG B 11 15.02 10.00 3.93
CA ARG B 11 14.57 10.37 5.27
C ARG B 11 14.83 11.85 5.52
N TYR B 12 13.77 12.58 5.89
CA TYR B 12 13.94 13.92 6.43
C TYR B 12 14.31 13.84 7.91
N ASP B 13 15.32 14.60 8.32
CA ASP B 13 15.73 14.65 9.72
C ASP B 13 16.32 16.03 9.99
N SER B 14 16.20 16.48 11.24
CA SER B 14 16.78 17.76 11.65
C SER B 14 18.26 17.66 11.97
N ARG B 15 18.82 16.43 12.10
CA ARG B 15 20.17 16.25 12.60
C ARG B 15 21.18 16.22 11.45
N PRO B 16 22.37 16.76 11.66
CA PRO B 16 23.31 17.01 10.55
C PRO B 16 24.21 15.81 10.29
N PRO B 17 24.91 15.79 9.15
CA PRO B 17 25.70 14.60 8.81
C PRO B 17 26.86 14.32 9.74
N GLU B 18 27.37 15.32 10.47
CA GLU B 18 28.40 15.04 11.46
C GLU B 18 27.91 14.05 12.49
N ASP B 19 26.61 14.04 12.77
CA ASP B 19 26.00 12.99 13.58
C ASP B 19 25.70 11.78 12.71
N VAL B 20 24.90 11.98 11.65
CA VAL B 20 24.26 10.88 10.93
C VAL B 20 25.26 10.05 10.12
N PHE B 21 26.20 10.72 9.42
CA PHE B 21 27.21 10.00 8.65
C PHE B 21 28.16 9.22 9.54
N GLN B 22 28.33 9.67 10.78
CA GLN B 22 29.21 8.99 11.73
C GLN B 22 28.48 7.85 12.43
N ASN B 23 27.30 8.12 12.97
CA ASN B 23 26.61 7.20 13.86
C ASN B 23 25.49 6.43 13.18
N GLY B 24 25.09 6.79 11.96
CA GLY B 24 23.88 6.25 11.39
C GLY B 24 22.66 6.84 12.08
N PHE B 25 21.50 6.23 11.82
CA PHE B 25 20.29 6.54 12.57
C PHE B 25 20.01 5.40 13.53
N THR B 26 19.63 5.74 14.75
CA THR B 26 19.18 4.75 15.71
C THR B 26 17.78 5.13 16.16
N ALA B 27 16.88 4.15 16.22
CA ALA B 27 15.52 4.45 16.65
C ALA B 27 15.49 4.86 18.11
N TRP B 28 14.37 5.51 18.48
CA TRP B 28 14.20 6.01 19.83
C TRP B 28 14.30 4.90 20.87
N GLY B 29 13.73 3.72 20.59
CA GLY B 29 13.61 2.74 21.65
C GLY B 29 13.21 1.38 21.11
N ASN B 30 12.55 0.59 21.96
CA ASN B 30 12.25 -0.80 21.69
C ASN B 30 10.78 -1.05 21.42
N ASN B 31 9.98 -0.01 21.20
CA ASN B 31 8.56 -0.18 20.95
C ASN B 31 8.36 -0.43 19.46
N ASP B 32 8.21 -1.70 19.09
CA ASP B 32 8.05 -2.11 17.69
C ASP B 32 6.59 -2.30 17.31
N ASN B 33 5.66 -1.62 17.98
CA ASN B 33 4.27 -1.63 17.57
C ASN B 33 4.12 -0.82 16.29
N VAL B 34 3.73 -1.47 15.19
CA VAL B 34 3.71 -0.83 13.88
C VAL B 34 2.69 0.30 13.85
N LEU B 35 1.53 0.09 14.47
CA LEU B 35 0.46 1.09 14.49
C LEU B 35 0.88 2.35 15.22
N GLU B 36 1.47 2.20 16.41
CA GLU B 36 1.91 3.37 17.14
C GLU B 36 2.96 4.16 16.38
N HIS B 37 3.81 3.46 15.62
CA HIS B 37 4.81 4.16 14.84
C HIS B 37 4.18 4.92 13.68
N LEU B 38 3.31 4.27 12.92
CA LEU B 38 2.84 4.89 11.70
C LEU B 38 1.93 6.08 12.00
N THR B 39 1.21 6.03 13.11
CA THR B 39 0.42 7.16 13.57
C THR B 39 1.26 8.24 14.23
N GLY B 40 2.55 7.98 14.49
CA GLY B 40 3.41 8.93 15.17
C GLY B 40 3.36 8.88 16.69
N ARG B 41 2.48 8.05 17.26
CA ARG B 41 2.30 8.01 18.72
C ARG B 41 3.57 7.61 19.45
N SER B 42 4.47 6.86 18.82
CA SER B 42 5.71 6.43 19.45
C SER B 42 6.93 7.23 18.99
N CYS B 43 6.74 8.23 18.16
CA CYS B 43 7.88 9.02 17.67
C CYS B 43 8.09 10.22 18.59
N GLN B 44 8.84 11.22 18.12
CA GLN B 44 9.31 12.29 18.99
C GLN B 44 8.15 13.02 19.67
N VAL B 45 7.09 13.33 18.92
CA VAL B 45 5.96 14.08 19.45
C VAL B 45 5.10 13.26 20.41
N GLY B 46 5.34 11.96 20.51
CA GLY B 46 4.57 11.12 21.41
C GLY B 46 5.41 10.51 22.52
N SER B 47 5.54 9.18 22.53
CA SER B 47 6.25 8.48 23.58
C SER B 47 7.74 8.33 23.31
N SER B 48 8.24 8.74 22.14
CA SER B 48 9.69 8.76 21.87
C SER B 48 10.36 7.44 22.22
N ASN B 49 9.72 6.35 21.80
CA ASN B 49 10.27 5.03 22.07
C ASN B 49 10.14 4.09 20.89
N SER B 50 9.77 4.59 19.70
CA SER B 50 9.60 3.75 18.52
C SER B 50 10.87 2.98 18.22
N ALA B 51 10.69 1.74 17.78
CA ALA B 51 11.80 0.91 17.35
C ALA B 51 12.13 1.07 15.88
N PHE B 52 11.51 2.03 15.18
CA PHE B 52 11.69 2.14 13.74
C PHE B 52 12.24 3.51 13.36
N VAL B 53 13.15 3.51 12.37
CA VAL B 53 13.59 4.71 11.69
C VAL B 53 12.80 4.85 10.39
N SER B 54 12.03 5.92 10.27
CA SER B 54 11.10 6.09 9.16
C SER B 54 11.85 6.54 7.92
N THR B 55 11.48 5.97 6.78
CA THR B 55 12.00 6.35 5.48
C THR B 55 10.89 6.29 4.44
N SER B 56 11.15 6.85 3.26
CA SER B 56 10.18 6.81 2.16
C SER B 56 10.91 6.54 0.86
N SER B 57 10.31 5.72 0.01
CA SER B 57 10.87 5.57 -1.33
C SER B 57 10.64 6.79 -2.20
N SER B 58 9.76 7.71 -1.77
CA SER B 58 9.48 8.93 -2.52
C SER B 58 10.30 10.07 -1.96
N ARG B 59 11.27 10.56 -2.73
CA ARG B 59 11.97 11.77 -2.28
C ARG B 59 11.00 12.93 -2.10
N ARG B 60 10.00 13.04 -2.98
CA ARG B 60 9.02 14.12 -2.86
C ARG B 60 8.37 14.14 -1.48
N TYR B 61 8.05 12.96 -0.93
CA TYR B 61 7.46 12.92 0.40
C TYR B 61 8.35 13.61 1.42
N THR B 62 9.66 13.32 1.39
CA THR B 62 10.54 13.93 2.37
C THR B 62 10.71 15.42 2.13
N GLU B 63 10.57 15.86 0.88
CA GLU B 63 10.66 17.28 0.57
C GLU B 63 9.45 18.04 1.08
N VAL B 64 8.26 17.47 0.93
CA VAL B 64 7.05 18.07 1.46
C VAL B 64 7.14 18.23 2.97
N TYR B 65 7.63 17.19 3.66
CA TYR B 65 7.87 17.25 5.10
C TYR B 65 8.83 18.37 5.45
N LEU B 66 10.00 18.40 4.79
CA LEU B 66 10.96 19.47 5.05
C LEU B 66 10.34 20.83 4.79
N GLU B 67 9.59 20.96 3.69
CA GLU B 67 8.95 22.23 3.37
C GLU B 67 7.96 22.64 4.45
N HIS B 68 7.25 21.67 5.02
CA HIS B 68 6.32 21.98 6.11
C HIS B 68 7.06 22.52 7.32
N ARG B 69 8.16 21.85 7.71
CA ARG B 69 8.92 22.32 8.87
C ARG B 69 9.53 23.70 8.61
N MET B 70 9.96 23.95 7.37
CA MET B 70 10.49 25.27 7.03
C MET B 70 9.41 26.33 7.13
N GLN B 71 8.24 26.07 6.55
CA GLN B 71 7.14 27.00 6.67
C GLN B 71 6.79 27.25 8.14
N GLU B 72 6.75 26.20 8.97
CA GLU B 72 6.47 26.40 10.39
C GLU B 72 7.45 27.37 11.03
N ALA B 73 8.72 27.31 10.63
CA ALA B 73 9.71 28.26 11.15
C ALA B 73 9.45 29.67 10.62
N VAL B 74 9.05 29.78 9.36
CA VAL B 74 8.69 31.08 8.80
C VAL B 74 7.54 31.69 9.58
N GLU B 75 6.49 30.90 9.85
CA GLU B 75 5.35 31.40 10.56
C GLU B 75 5.71 31.75 12.01
N ALA B 76 6.58 31.00 12.63
CA ALA B 76 6.99 31.31 14.00
C ALA B 76 7.68 32.66 14.06
N GLU B 77 8.47 33.00 13.04
CA GLU B 77 9.14 34.29 13.02
C GLU B 77 8.13 35.43 12.85
N ARG B 78 7.16 35.25 11.95
CA ARG B 78 6.16 36.29 11.74
C ARG B 78 5.30 36.50 12.97
N ALA B 79 5.09 35.46 13.76
CA ALA B 79 4.30 35.54 14.98
C ALA B 79 5.14 35.95 16.18
N GLY B 80 6.40 36.32 15.98
CA GLY B 80 7.26 36.74 17.08
C GLY B 80 7.65 35.67 18.05
N ARG B 81 7.37 34.40 17.76
CA ARG B 81 7.72 33.29 18.64
C ARG B 81 8.90 32.47 18.13
N GLY B 82 9.71 33.05 17.25
CA GLY B 82 10.84 32.31 16.71
C GLY B 82 11.74 33.23 15.91
N THR B 83 12.94 32.72 15.61
CA THR B 83 13.92 33.46 14.83
C THR B 83 13.72 33.30 13.32
N GLY B 84 12.98 32.29 12.89
CA GLY B 84 12.76 32.04 11.47
C GLY B 84 13.86 31.28 10.78
N HIS B 85 15.02 31.11 11.42
CA HIS B 85 16.13 30.33 10.86
C HIS B 85 15.77 28.85 10.85
N PHE B 86 16.12 28.18 9.77
CA PHE B 86 15.75 26.78 9.62
C PHE B 86 16.79 26.04 8.80
N ILE B 87 17.18 24.86 9.28
CA ILE B 87 18.04 23.95 8.54
C ILE B 87 17.43 22.56 8.60
N GLY B 88 17.19 21.96 7.43
CA GLY B 88 16.69 20.61 7.36
C GLY B 88 17.54 19.77 6.43
N TYR B 89 17.41 18.46 6.57
CA TYR B 89 18.26 17.52 5.83
C TYR B 89 17.43 16.39 5.25
N ILE B 90 17.74 16.03 4.00
CA ILE B 90 17.15 14.87 3.35
C ILE B 90 18.27 13.89 3.05
N TYR B 91 18.25 12.74 3.73
CA TYR B 91 19.25 11.69 3.57
C TYR B 91 18.80 10.66 2.54
N GLU B 92 19.72 10.25 1.68
CA GLU B 92 19.48 9.20 0.70
C GLU B 92 20.17 7.95 1.20
N VAL B 93 19.43 6.85 1.26
CA VAL B 93 19.80 5.67 2.02
C VAL B 93 19.61 4.42 1.16
N ARG B 94 20.57 3.50 1.20
CA ARG B 94 20.39 2.19 0.60
C ARG B 94 19.59 1.30 1.54
N ALA B 95 18.47 0.77 1.05
CA ALA B 95 17.64 -0.12 1.84
C ALA B 95 18.17 -1.54 1.77
N ASP B 96 17.91 -2.30 2.83
CA ASP B 96 18.28 -3.72 2.91
C ASP B 96 17.15 -4.48 3.60
N ASN B 97 17.41 -5.75 3.95
CA ASN B 97 16.40 -6.62 4.53
C ASN B 97 15.92 -6.19 5.92
N ASN B 98 16.55 -5.19 6.54
CA ASN B 98 16.02 -4.63 7.78
C ASN B 98 15.05 -3.48 7.56
N PHE B 99 14.68 -3.21 6.30
CA PHE B 99 13.71 -2.18 5.94
C PHE B 99 12.45 -2.89 5.47
N TYR B 100 11.30 -2.52 6.02
CA TYR B 100 10.05 -3.23 5.78
C TYR B 100 8.99 -2.27 5.29
N GLY B 101 8.22 -2.72 4.30
CA GLY B 101 7.18 -1.87 3.75
C GLY B 101 6.14 -1.56 4.80
N ALA B 102 5.87 -0.26 4.99
CA ALA B 102 4.89 0.17 5.98
C ALA B 102 3.49 -0.33 5.66
N ALA B 103 3.09 -0.28 4.39
CA ALA B 103 1.72 -0.62 4.03
C ALA B 103 1.41 -2.06 4.38
N SER B 104 2.24 -3.01 3.90
CA SER B 104 1.98 -4.40 4.22
C SER B 104 2.11 -4.67 5.71
N SER B 105 3.08 -4.03 6.36
CA SER B 105 3.21 -4.16 7.81
C SER B 105 1.96 -3.67 8.53
N TYR B 106 1.40 -2.56 8.09
CA TYR B 106 0.22 -2.00 8.74
C TYR B 106 -0.99 -2.89 8.52
N PHE B 107 -1.20 -3.34 7.28
CA PHE B 107 -2.37 -4.17 7.00
C PHE B 107 -2.31 -5.47 7.81
N GLU B 108 -1.17 -6.10 7.86
CA GLU B 108 -0.99 -7.31 8.65
C GLU B 108 -1.27 -7.01 10.13
N TYR B 109 -0.70 -5.91 10.63
CA TYR B 109 -0.89 -5.55 12.03
C TYR B 109 -2.37 -5.33 12.34
N VAL B 110 -3.04 -4.44 11.59
CA VAL B 110 -4.39 -4.06 11.97
C VAL B 110 -5.36 -5.21 11.80
N ASP B 111 -5.13 -6.05 10.79
CA ASP B 111 -6.01 -7.21 10.62
C ASP B 111 -5.86 -8.21 11.75
N THR B 112 -4.73 -8.20 12.46
CA THR B 112 -4.47 -9.15 13.53
C THR B 112 -4.88 -8.59 14.89
N TYR B 113 -4.49 -7.36 15.19
CA TYR B 113 -4.66 -6.78 16.51
C TYR B 113 -5.64 -5.63 16.57
N GLY B 114 -6.15 -5.17 15.43
CA GLY B 114 -7.10 -4.09 15.40
C GLY B 114 -6.47 -2.72 15.58
N ASP B 115 -7.30 -1.70 15.41
CA ASP B 115 -6.98 -0.30 15.63
C ASP B 115 -7.26 0.06 17.09
N ASN B 116 -6.62 1.12 17.56
CA ASN B 116 -6.87 1.56 18.94
C ASN B 116 -8.28 2.11 19.07
N TYR B 128 1.18 5.11 2.96
CA TYR B 128 2.06 4.09 3.53
C TYR B 128 2.74 3.27 2.44
N GLN B 129 2.20 3.32 1.22
CA GLN B 129 2.73 2.49 0.13
C GLN B 129 4.18 2.82 -0.18
N SER B 130 4.57 4.08 0.02
CA SER B 130 5.95 4.49 -0.17
C SER B 130 6.76 4.49 1.12
N ASP B 131 6.16 4.23 2.27
CA ASP B 131 6.88 4.28 3.54
C ASP B 131 7.59 2.96 3.83
N TYR B 132 8.82 3.04 4.34
CA TYR B 132 9.59 1.88 4.73
C TYR B 132 10.15 2.08 6.14
N LEU B 133 9.86 1.12 7.02
CA LEU B 133 10.32 1.17 8.41
C LEU B 133 11.64 0.42 8.52
N ALA B 134 12.68 1.11 8.94
CA ALA B 134 13.94 0.43 9.20
C ALA B 134 13.94 0.01 10.67
N HIS B 135 14.13 -1.28 10.93
CA HIS B 135 14.07 -1.80 12.30
C HIS B 135 15.34 -1.40 13.04
N ARG B 136 15.14 -0.62 14.08
CA ARG B 136 16.14 -0.18 15.08
C ARG B 136 17.30 0.70 14.66
N ARG B 137 17.88 0.45 13.50
CA ARG B 137 18.98 1.31 13.08
C ARG B 137 19.15 1.28 11.58
N ILE B 138 19.69 2.38 11.06
CA ILE B 138 20.23 2.48 9.72
C ILE B 138 21.73 2.73 9.87
N PRO B 139 22.59 1.74 9.58
CA PRO B 139 24.02 1.94 9.80
C PRO B 139 24.56 3.04 8.91
N PRO B 140 25.65 3.69 9.33
CA PRO B 140 26.22 4.73 8.46
C PRO B 140 26.64 4.21 7.10
N GLU B 141 27.03 2.93 7.01
CA GLU B 141 27.40 2.32 5.75
C GLU B 141 26.27 2.33 4.73
N ASN B 142 25.01 2.41 5.19
CA ASN B 142 23.87 2.48 4.29
C ASN B 142 23.57 3.89 3.79
N ILE B 143 24.20 4.92 4.34
CA ILE B 143 23.74 6.28 4.12
C ILE B 143 24.65 6.91 3.07
N ARG B 144 24.07 7.25 1.93
CA ARG B 144 24.85 7.60 0.74
C ARG B 144 25.19 9.09 0.70
N ARG B 145 24.19 9.95 0.93
CA ARG B 145 24.40 11.38 0.78
C ARG B 145 23.29 12.14 1.48
N VAL B 146 23.48 13.45 1.63
CA VAL B 146 22.53 14.33 2.29
C VAL B 146 22.35 15.59 1.46
N THR B 147 21.12 16.09 1.44
CA THR B 147 20.80 17.41 0.91
C THR B 147 20.49 18.30 2.10
N ARG B 148 21.22 19.39 2.24
CA ARG B 148 20.97 20.34 3.31
C ARG B 148 20.23 21.54 2.72
N VAL B 149 19.11 21.90 3.35
CA VAL B 149 18.36 23.09 2.98
C VAL B 149 18.44 24.06 4.14
N TYR B 150 18.95 25.26 3.87
CA TYR B 150 19.08 26.29 4.89
C TYR B 150 18.27 27.51 4.46
N HIS B 151 17.39 27.97 5.34
CA HIS B 151 16.64 29.21 5.15
C HIS B 151 17.13 30.22 6.17
N ASN B 152 17.61 31.36 5.69
CA ASN B 152 18.01 32.47 6.54
C ASN B 152 16.76 33.25 6.91
N GLY B 153 16.32 33.14 8.16
CA GLY B 153 15.06 33.74 8.55
C GLY B 153 15.08 35.25 8.49
N ILE B 154 16.26 35.84 8.63
CA ILE B 154 16.36 37.29 8.67
C ILE B 154 16.34 37.89 7.27
N THR B 155 17.12 37.30 6.35
CA THR B 155 17.25 37.79 4.98
C THR B 155 16.36 37.06 3.99
N GLY B 156 15.82 35.90 4.34
CA GLY B 156 14.85 35.23 3.50
C GLY B 156 15.40 34.34 2.40
N GLU B 157 16.70 34.34 2.17
CA GLU B 157 17.25 33.51 1.10
C GLU B 157 17.44 32.08 1.58
N THR B 158 17.17 31.12 0.68
CA THR B 158 17.28 29.70 0.96
C THR B 158 18.32 29.08 0.05
N THR B 159 19.24 28.31 0.62
CA THR B 159 20.33 27.69 -0.13
C THR B 159 20.28 26.18 0.07
N THR B 160 20.51 25.45 -1.01
CA THR B 160 20.51 23.98 -1.01
C THR B 160 21.90 23.48 -1.36
N THR B 161 22.39 22.51 -0.58
CA THR B 161 23.73 21.96 -0.76
C THR B 161 23.72 20.44 -0.64
N GLU B 162 24.71 19.79 -1.25
CA GLU B 162 24.83 18.34 -1.34
C GLU B 162 26.12 17.89 -0.68
N TYR B 163 26.08 16.79 0.05
CA TYR B 163 27.29 16.21 0.63
C TYR B 163 27.19 14.70 0.67
N SER B 164 28.25 14.02 0.23
CA SER B 164 28.29 12.58 0.18
C SER B 164 28.98 12.00 1.42
N ASN B 165 28.57 10.80 1.79
CA ASN B 165 29.12 10.11 2.96
C ASN B 165 30.28 9.22 2.50
N ALA B 166 31.49 9.55 2.94
CA ALA B 166 32.65 8.76 2.58
C ALA B 166 32.59 7.35 3.16
N ARG B 167 31.77 7.15 4.20
CA ARG B 167 31.65 5.85 4.83
C ARG B 167 30.61 4.95 4.16
N TYR B 168 29.95 5.44 3.11
CA TYR B 168 28.97 4.62 2.42
C TYR B 168 29.63 3.39 1.79
N VAL B 169 28.99 2.24 1.95
CA VAL B 169 29.43 0.99 1.35
C VAL B 169 28.38 0.58 0.33
N SER B 170 28.81 0.40 -0.92
CA SER B 170 27.91 -0.05 -1.97
C SER B 170 27.78 -1.56 -1.89
N GLN B 171 26.55 -2.06 -1.78
CA GLN B 171 26.28 -3.48 -1.86
C GLN B 171 24.93 -3.69 -2.53
N GLN B 172 24.71 -4.92 -3.00
CA GLN B 172 23.47 -5.27 -3.68
C GLN B 172 22.46 -5.67 -2.61
N THR B 173 21.65 -4.71 -2.19
CA THR B 173 20.58 -4.97 -1.23
C THR B 173 19.34 -4.21 -1.65
N ARG B 174 18.20 -4.69 -1.17
CA ARG B 174 16.92 -4.04 -1.34
C ARG B 174 16.12 -4.24 -0.07
N ALA B 175 15.06 -3.45 0.07
CA ALA B 175 14.14 -3.59 1.20
C ALA B 175 13.60 -5.02 1.25
N ASN B 176 13.22 -5.42 2.46
CA ASN B 176 12.58 -6.71 2.64
C ASN B 176 11.27 -6.75 1.86
N PRO B 177 10.97 -7.85 1.16
CA PRO B 177 9.67 -7.94 0.49
C PRO B 177 8.51 -8.30 1.41
N ASN B 178 8.79 -8.66 2.66
CA ASN B 178 7.77 -9.15 3.58
C ASN B 178 7.45 -8.12 4.64
N PRO B 179 6.27 -8.21 5.28
CA PRO B 179 5.93 -7.28 6.35
C PRO B 179 6.80 -7.50 7.57
N TYR B 180 6.95 -6.43 8.35
CA TYR B 180 7.55 -6.57 9.66
C TYR B 180 6.55 -7.19 10.61
N THR B 181 6.97 -8.26 11.28
CA THR B 181 6.22 -8.82 12.39
C THR B 181 7.14 -8.94 13.59
N SER B 182 6.57 -8.77 14.77
CA SER B 182 7.33 -8.84 16.01
C SER B 182 7.54 -10.30 16.44
I IOD C . -9.22 -15.79 -6.57
PA NAD D . -16.44 -12.11 -1.99
O1A NAD D . -16.90 -12.76 -0.66
O2A NAD D . -15.16 -11.38 -1.91
O5B NAD D . -17.57 -11.01 -2.48
C5B NAD D . -18.91 -11.32 -2.62
C4B NAD D . -19.67 -10.11 -2.22
O4B NAD D . -19.43 -9.81 -0.80
C3B NAD D . -19.26 -8.82 -2.82
O3B NAD D . -19.80 -8.68 -4.13
C2B NAD D . -19.69 -7.75 -1.90
O2B NAD D . -21.13 -7.64 -1.96
C1B NAD D . -19.38 -8.32 -0.61
N9A NAD D . -18.13 -8.05 0.02
C8A NAD D . -17.03 -8.65 -0.30
N7A NAD D . -16.06 -8.29 0.50
C5A NAD D . -16.59 -7.47 1.40
C6A NAD D . -16.14 -6.79 2.55
N6A NAD D . -14.78 -6.83 2.97
N1A NAD D . -16.96 -6.05 3.22
C2A NAD D . -18.25 -5.90 2.93
N3A NAD D . -18.72 -6.57 1.87
C4A NAD D . -17.96 -7.34 1.06
O3 NAD D . -16.46 -13.29 -3.13
PN NAD D . -16.30 -13.17 -4.76
O1N NAD D . -15.03 -12.40 -5.01
O2N NAD D . -17.57 -12.58 -5.33
O5D NAD D . -16.26 -14.81 -5.18
C5D NAD D . -15.25 -15.56 -4.60
C4D NAD D . -15.21 -16.83 -5.36
O4D NAD D . -15.23 -16.50 -6.80
C3D NAD D . -13.91 -17.40 -5.04
O3D NAD D . -13.97 -18.84 -5.05
C2D NAD D . -13.03 -16.91 -6.10
O2D NAD D . -11.97 -17.80 -6.41
C1D NAD D . -13.86 -16.63 -7.30
N1N NAD D . -13.53 -15.44 -8.05
C2N NAD D . -14.26 -14.30 -8.02
C3N NAD D . -13.83 -13.22 -8.79
C7N NAD D . -14.58 -11.84 -8.89
O7N NAD D . -14.57 -11.24 -9.87
N7N NAD D . -15.29 -11.39 -7.70
C4N NAD D . -12.73 -13.34 -9.58
C5N NAD D . -12.02 -14.49 -9.60
C6N NAD D . -12.49 -15.56 -8.84
I IOD E . 7.68 4.66 8.12
PA NAD F . 11.16 10.71 14.43
O1A NAD F . 10.59 10.74 15.86
O2A NAD F . 12.02 9.54 14.08
O5B NAD F . 12.01 12.05 14.10
C5B NAD F . 11.60 13.30 14.44
C4B NAD F . 12.80 14.04 14.91
O4B NAD F . 13.19 13.54 16.22
C3B NAD F . 14.06 14.00 14.14
O3B NAD F . 14.00 14.95 13.08
C2B NAD F . 15.08 14.31 15.15
O2B NAD F . 15.00 15.72 15.48
C1B NAD F . 14.66 13.53 16.32
N9A NAD F . 15.12 12.19 16.54
C8A NAD F . 14.68 11.13 15.98
N7A NAD F . 15.21 10.05 16.45
C5A NAD F . 16.08 10.45 17.41
C6A NAD F . 16.96 9.85 18.32
N6A NAD F . 17.17 8.44 18.39
N1A NAD F . 17.64 10.57 19.17
C2A NAD F . 17.59 11.89 19.22
N3A NAD F . 16.77 12.55 18.37
C4A NAD F . 15.98 11.89 17.47
O3 NAD F . 9.85 10.79 13.46
PN NAD F . 9.81 11.16 11.88
O1N NAD F . 10.13 12.58 11.66
O2N NAD F . 10.63 10.14 11.16
O5D NAD F . 8.19 11.01 11.49
C5D NAD F . 7.64 9.81 11.71
C4D NAD F . 6.25 9.98 11.20
O4D NAD F . 6.43 10.40 9.80
C3D NAD F . 5.77 8.61 11.16
O3D NAD F . 4.33 8.61 11.20
C2D NAD F . 6.36 8.04 9.91
O2D NAD F . 5.56 6.94 9.37
C1D NAD F . 6.37 9.16 8.96
N1N NAD F . 7.47 9.20 8.02
C2N NAD F . 8.56 10.01 8.16
C3N NAD F . 9.58 9.97 7.18
C7N NAD F . 10.82 10.87 7.24
O7N NAD F . 11.32 11.26 6.28
N7N NAD F . 11.24 11.27 8.56
C4N NAD F . 9.48 9.16 6.11
C5N NAD F . 8.35 8.37 6.01
C6N NAD F . 7.37 8.42 6.99
#